data_8H2F
#
_entry.id   8H2F
#
_cell.length_a   96.139
_cell.length_b   96.139
_cell.length_c   61.419
_cell.angle_alpha   90.000
_cell.angle_beta   90.000
_cell.angle_gamma   120.000
#
_symmetry.space_group_name_H-M   'H 3'
#
loop_
_entity.id
_entity.type
_entity.pdbx_description
1 polymer DnaQ
2 non-polymer "THYMIDINE-5'-PHOSPHATE"
3 non-polymer 'MAGNESIUM ION'
4 water water
#
_entity_poly.entity_id   1
_entity_poly.type   'polypeptide(L)'
_entity_poly.pdbx_seq_one_letter_code
;GGTGSGSKPYVVIDIETDGLDEKKNTIIEIGAVKFNGQQVEEFNALIKYEEKLPPTIFKLTGISKSLLDQEGRDLKEVLS
EFLLFIGDLTLVGYNIHFDIQFINNKLNKFGLPLLINKTHDIMRYVKDEKLFLDNYQLQTALKSYGIEDSVPHRALKDAR
LIYHLSTKVNKFLARMKEKS
;
_entity_poly.pdbx_strand_id   A
#
# COMPACT_ATOMS: atom_id res chain seq x y z
N SER A 7 -14.09 3.35 -13.55
CA SER A 7 -15.16 2.37 -13.57
C SER A 7 -14.62 0.95 -13.58
N LYS A 8 -13.35 0.80 -13.98
CA LYS A 8 -12.71 -0.50 -13.91
C LYS A 8 -12.34 -0.80 -12.46
N PRO A 9 -12.39 -2.06 -12.04
CA PRO A 9 -11.96 -2.39 -10.68
C PRO A 9 -10.46 -2.18 -10.52
N TYR A 10 -10.07 -1.81 -9.30
CA TYR A 10 -8.65 -1.74 -8.97
C TYR A 10 -8.49 -1.82 -7.46
N VAL A 11 -7.26 -2.10 -7.02
CA VAL A 11 -6.95 -2.22 -5.60
C VAL A 11 -5.75 -1.34 -5.29
N VAL A 12 -5.95 -0.36 -4.40
CA VAL A 12 -4.83 0.44 -3.88
C VAL A 12 -4.21 -0.34 -2.72
N ILE A 13 -2.89 -0.49 -2.75
CA ILE A 13 -2.17 -1.25 -1.75
C ILE A 13 -1.15 -0.37 -1.05
N ASP A 14 -0.88 -0.69 0.21
CA ASP A 14 0.15 -0.02 0.98
C ASP A 14 0.62 -0.96 2.08
N ILE A 15 1.92 -0.94 2.37
CA ILE A 15 2.47 -1.73 3.47
C ILE A 15 3.30 -0.86 4.38
N GLU A 16 3.43 -1.31 5.62
CA GLU A 16 4.47 -0.82 6.53
C GLU A 16 5.47 -1.94 6.76
N THR A 17 6.73 -1.57 6.95
CA THR A 17 7.82 -2.50 7.12
C THR A 17 8.67 -2.05 8.29
N ASP A 18 9.66 -2.87 8.65
CA ASP A 18 10.62 -2.47 9.67
C ASP A 18 11.92 -1.96 9.08
N GLY A 19 11.95 -1.68 7.79
CA GLY A 19 13.15 -1.22 7.12
C GLY A 19 12.96 -1.21 5.63
N LEU A 20 14.03 -0.85 4.91
CA LEU A 20 13.93 -0.63 3.48
C LEU A 20 14.39 -1.81 2.63
N ASP A 21 14.97 -2.85 3.23
CA ASP A 21 15.57 -3.95 2.48
C ASP A 21 14.53 -5.06 2.29
N GLU A 22 14.07 -5.23 1.05
CA GLU A 22 13.04 -6.21 0.73
C GLU A 22 13.42 -7.61 1.18
N LYS A 23 14.71 -7.92 1.23
CA LYS A 23 15.15 -9.25 1.62
C LYS A 23 15.30 -9.39 3.13
N LYS A 24 16.07 -8.50 3.76
CA LYS A 24 16.42 -8.66 5.17
C LYS A 24 15.36 -8.08 6.12
N ASN A 25 14.62 -7.06 5.70
CA ASN A 25 13.56 -6.50 6.50
C ASN A 25 12.24 -7.21 6.16
N THR A 26 11.19 -6.88 6.91
CA THR A 26 9.94 -7.61 6.77
C THR A 26 8.74 -6.67 6.83
N ILE A 27 7.58 -7.26 6.57
CA ILE A 27 6.32 -6.54 6.55
C ILE A 27 5.69 -6.58 7.93
N ILE A 28 5.27 -5.43 8.45
CA ILE A 28 4.59 -5.35 9.73
C ILE A 28 3.13 -4.99 9.61
N GLU A 29 2.69 -4.46 8.45
CA GLU A 29 1.27 -4.22 8.24
C GLU A 29 0.98 -4.17 6.76
N ILE A 30 -0.17 -4.71 6.38
N ILE A 30 -0.19 -4.65 6.36
CA ILE A 30 -0.66 -4.65 4.99
CA ILE A 30 -0.61 -4.62 4.96
C ILE A 30 -2.03 -4.00 5.01
C ILE A 30 -2.05 -4.15 4.88
N GLY A 31 -2.29 -3.16 4.01
CA GLY A 31 -3.61 -2.59 3.84
C GLY A 31 -3.94 -2.43 2.37
N ALA A 32 -5.23 -2.45 2.08
CA ALA A 32 -5.66 -2.33 0.69
C ALA A 32 -7.09 -1.79 0.65
N VAL A 33 -7.36 -0.97 -0.36
CA VAL A 33 -8.69 -0.44 -0.63
C VAL A 33 -9.03 -0.89 -2.04
N LYS A 34 -10.01 -1.77 -2.16
CA LYS A 34 -10.43 -2.32 -3.44
C LYS A 34 -11.72 -1.66 -3.90
N PHE A 35 -11.70 -1.07 -5.09
CA PHE A 35 -12.94 -0.76 -5.79
C PHE A 35 -13.26 -1.96 -6.67
N ASN A 36 -14.32 -2.68 -6.34
CA ASN A 36 -14.59 -3.98 -6.96
C ASN A 36 -15.38 -3.86 -8.25
N GLY A 37 -15.56 -2.64 -8.77
CA GLY A 37 -16.39 -2.37 -9.91
C GLY A 37 -17.73 -1.79 -9.55
N GLN A 38 -18.18 -2.01 -8.31
CA GLN A 38 -19.42 -1.45 -7.81
C GLN A 38 -19.22 -0.60 -6.57
N GLN A 39 -18.44 -1.09 -5.59
CA GLN A 39 -18.24 -0.37 -4.35
C GLN A 39 -16.87 -0.73 -3.77
N VAL A 40 -16.54 -0.07 -2.65
CA VAL A 40 -15.25 -0.22 -1.99
C VAL A 40 -15.30 -1.33 -0.95
N GLU A 41 -14.22 -2.11 -0.91
CA GLU A 41 -13.95 -3.06 0.16
C GLU A 41 -12.54 -2.79 0.69
N GLU A 42 -12.26 -3.26 1.90
CA GLU A 42 -11.01 -2.98 2.57
C GLU A 42 -10.39 -4.25 3.15
N PHE A 43 -9.06 -4.24 3.21
CA PHE A 43 -8.25 -5.32 3.77
C PHE A 43 -7.20 -4.71 4.66
N ASN A 44 -6.96 -5.32 5.83
CA ASN A 44 -5.94 -4.81 6.72
C ASN A 44 -5.54 -5.88 7.72
N ALA A 45 -4.24 -6.03 7.91
CA ALA A 45 -3.74 -6.90 8.95
C ALA A 45 -2.39 -6.41 9.44
N LEU A 46 -2.22 -6.37 10.74
CA LEU A 46 -0.90 -6.29 11.35
C LEU A 46 -0.28 -7.68 11.36
N ILE A 47 1.06 -7.73 11.40
CA ILE A 47 1.80 -8.97 11.20
C ILE A 47 2.57 -9.33 12.47
N LYS A 48 2.43 -10.58 12.91
CA LYS A 48 3.23 -11.07 14.01
C LYS A 48 4.71 -10.89 13.70
N TYR A 49 5.49 -10.56 14.74
CA TYR A 49 6.85 -10.07 14.57
C TYR A 49 7.67 -10.55 15.75
N GLU A 50 8.82 -11.15 15.45
CA GLU A 50 9.67 -11.74 16.48
C GLU A 50 11.03 -11.04 16.59
N GLU A 51 11.23 -9.92 15.89
CA GLU A 51 12.50 -9.22 15.88
C GLU A 51 12.43 -7.97 16.77
N LYS A 52 13.44 -7.11 16.66
CA LYS A 52 13.51 -5.88 17.42
C LYS A 52 13.15 -4.72 16.51
N LEU A 53 11.98 -4.14 16.74
CA LEU A 53 11.53 -3.06 15.87
C LEU A 53 12.34 -1.81 16.14
N PRO A 54 13.04 -1.26 15.16
CA PRO A 54 13.78 -0.01 15.39
C PRO A 54 12.84 1.06 15.91
N PRO A 55 13.09 1.62 17.11
CA PRO A 55 12.20 2.66 17.62
C PRO A 55 11.96 3.81 16.63
N THR A 56 12.80 3.94 15.60
CA THR A 56 12.47 4.85 14.51
C THR A 56 11.18 4.42 13.80
N ILE A 57 10.92 3.11 13.75
CA ILE A 57 9.65 2.62 13.21
C ILE A 57 8.49 3.03 14.11
N PHE A 58 8.69 2.94 15.43
CA PHE A 58 7.66 3.41 16.36
C PHE A 58 7.39 4.89 16.14
N LYS A 59 8.47 5.69 16.02
CA LYS A 59 8.34 7.12 15.76
C LYS A 59 7.50 7.38 14.53
N LEU A 60 7.74 6.62 13.46
CA LEU A 60 7.11 6.89 12.17
C LEU A 60 5.67 6.42 12.13
N THR A 61 5.40 5.21 12.61
CA THR A 61 4.12 4.55 12.41
C THR A 61 3.25 4.47 13.64
N GLY A 62 3.82 4.64 14.83
CA GLY A 62 3.10 4.36 16.05
C GLY A 62 2.93 2.89 16.37
N ILE A 63 3.52 1.99 15.57
CA ILE A 63 3.40 0.56 15.81
C ILE A 63 4.53 0.12 16.75
N SER A 64 4.16 -0.62 17.79
CA SER A 64 5.10 -1.19 18.73
C SER A 64 5.02 -2.71 18.71
N LYS A 65 6.06 -3.34 19.29
CA LYS A 65 6.04 -4.78 19.50
C LYS A 65 4.77 -5.23 20.21
N SER A 66 4.30 -4.43 21.17
CA SER A 66 3.10 -4.79 21.91
C SER A 66 1.90 -4.90 21.00
N LEU A 67 1.75 -3.96 20.07
CA LEU A 67 0.64 -4.01 19.13
C LEU A 67 0.74 -5.25 18.24
N LEU A 68 1.93 -5.51 17.72
CA LEU A 68 2.09 -6.68 16.85
C LEU A 68 1.85 -7.98 17.60
N ASP A 69 2.32 -8.06 18.85
CA ASP A 69 2.05 -9.24 19.67
C ASP A 69 0.55 -9.42 19.91
N GLN A 70 -0.16 -8.32 20.16
CA GLN A 70 -1.56 -8.42 20.57
C GLN A 70 -2.50 -8.60 19.38
N GLU A 71 -2.21 -7.95 18.25
N GLU A 71 -2.22 -7.94 18.25
CA GLU A 71 -3.12 -7.94 17.12
CA GLU A 71 -3.13 -7.96 17.11
C GLU A 71 -2.53 -8.53 15.84
C GLU A 71 -2.53 -8.53 15.84
N GLY A 72 -1.23 -8.82 15.83
CA GLY A 72 -0.62 -9.34 14.62
C GLY A 72 -1.10 -10.73 14.29
N ARG A 73 -1.02 -11.05 12.99
CA ARG A 73 -1.37 -12.35 12.47
C ARG A 73 -0.20 -12.89 11.67
N ASP A 74 -0.19 -14.21 11.47
CA ASP A 74 0.89 -14.86 10.76
C ASP A 74 1.00 -14.33 9.33
N LEU A 75 2.23 -13.98 8.95
CA LEU A 75 2.44 -13.34 7.65
C LEU A 75 1.99 -14.23 6.49
N LYS A 76 2.35 -15.52 6.51
CA LYS A 76 1.96 -16.39 5.41
C LYS A 76 0.45 -16.47 5.27
N GLU A 77 -0.26 -16.64 6.40
N GLU A 77 -0.27 -16.62 6.40
CA GLU A 77 -1.71 -16.66 6.39
CA GLU A 77 -1.72 -16.67 6.36
C GLU A 77 -2.28 -15.37 5.83
C GLU A 77 -2.30 -15.36 5.83
N VAL A 78 -1.73 -14.23 6.25
CA VAL A 78 -2.22 -12.94 5.77
C VAL A 78 -1.98 -12.79 4.28
N LEU A 79 -0.80 -13.20 3.81
CA LEU A 79 -0.48 -13.08 2.39
C LEU A 79 -1.43 -13.93 1.55
N SER A 80 -1.76 -15.13 2.02
CA SER A 80 -2.73 -15.95 1.29
C SER A 80 -4.08 -15.26 1.20
N GLU A 81 -4.54 -14.64 2.31
CA GLU A 81 -5.80 -13.92 2.25
C GLU A 81 -5.71 -12.71 1.34
N PHE A 82 -4.56 -12.02 1.35
CA PHE A 82 -4.34 -10.88 0.47
C PHE A 82 -4.45 -11.27 -0.99
N LEU A 83 -3.88 -12.41 -1.36
CA LEU A 83 -3.99 -12.85 -2.74
C LEU A 83 -5.44 -13.08 -3.14
N LEU A 84 -6.25 -13.65 -2.23
CA LEU A 84 -7.66 -13.84 -2.55
C LEU A 84 -8.39 -12.50 -2.66
N PHE A 85 -8.00 -11.51 -1.87
CA PHE A 85 -8.66 -10.21 -1.89
C PHE A 85 -8.39 -9.46 -3.18
N ILE A 86 -7.17 -9.55 -3.70
CA ILE A 86 -6.83 -8.80 -4.90
C ILE A 86 -7.14 -9.56 -6.19
N GLY A 87 -7.15 -10.89 -6.16
CA GLY A 87 -7.32 -11.63 -7.39
C GLY A 87 -6.34 -11.20 -8.44
N ASP A 88 -6.82 -11.05 -9.68
CA ASP A 88 -6.01 -10.56 -10.78
C ASP A 88 -6.28 -9.09 -11.09
N LEU A 89 -6.83 -8.34 -10.14
N LEU A 89 -6.83 -8.34 -10.14
CA LEU A 89 -7.19 -6.96 -10.39
CA LEU A 89 -7.18 -6.96 -10.38
C LEU A 89 -5.95 -6.08 -10.54
C LEU A 89 -5.94 -6.09 -10.56
N THR A 90 -6.11 -4.98 -11.28
CA THR A 90 -5.06 -3.98 -11.37
C THR A 90 -4.74 -3.45 -9.98
N LEU A 91 -3.45 -3.37 -9.67
CA LEU A 91 -2.98 -2.83 -8.40
C LEU A 91 -2.50 -1.40 -8.58
N VAL A 92 -2.79 -0.56 -7.59
CA VAL A 92 -2.48 0.86 -7.63
C VAL A 92 -1.78 1.25 -6.34
N GLY A 93 -0.83 2.17 -6.42
CA GLY A 93 -0.11 2.57 -5.24
C GLY A 93 0.59 3.88 -5.45
N TYR A 94 1.45 4.21 -4.51
CA TYR A 94 2.25 5.43 -4.57
C TYR A 94 3.69 5.00 -4.35
N ASN A 95 4.50 5.09 -5.41
CA ASN A 95 5.81 4.45 -5.46
C ASN A 95 5.64 2.95 -5.20
N ILE A 96 4.76 2.35 -6.00
CA ILE A 96 4.24 1.02 -5.76
C ILE A 96 5.30 -0.06 -5.82
N HIS A 97 6.42 0.17 -6.48
CA HIS A 97 7.46 -0.84 -6.53
C HIS A 97 7.97 -1.20 -5.14
N PHE A 98 7.93 -0.25 -4.20
CA PHE A 98 8.35 -0.57 -2.84
C PHE A 98 7.48 -1.68 -2.28
N ASP A 99 6.16 -1.53 -2.40
CA ASP A 99 5.25 -2.51 -1.85
C ASP A 99 5.35 -3.83 -2.59
N ILE A 100 5.44 -3.78 -3.92
N ILE A 100 5.43 -3.78 -3.92
CA ILE A 100 5.50 -5.01 -4.70
CA ILE A 100 5.50 -5.00 -4.70
C ILE A 100 6.78 -5.78 -4.40
C ILE A 100 6.78 -5.78 -4.39
N GLN A 101 7.90 -5.08 -4.27
CA GLN A 101 9.16 -5.78 -3.99
C GLN A 101 9.07 -6.54 -2.67
N PHE A 102 8.56 -5.90 -1.63
CA PHE A 102 8.40 -6.58 -0.34
C PHE A 102 7.40 -7.72 -0.44
N ILE A 103 6.22 -7.46 -1.02
CA ILE A 103 5.19 -8.49 -1.08
C ILE A 103 5.68 -9.71 -1.86
N ASN A 104 6.27 -9.48 -3.03
CA ASN A 104 6.77 -10.62 -3.81
C ASN A 104 7.88 -11.36 -3.08
N ASN A 105 8.77 -10.64 -2.38
CA ASN A 105 9.84 -11.34 -1.68
C ASN A 105 9.25 -12.30 -0.64
N LYS A 106 8.22 -11.85 0.07
CA LYS A 106 7.65 -12.69 1.13
C LYS A 106 6.74 -13.78 0.56
N LEU A 107 5.98 -13.48 -0.48
CA LEU A 107 5.25 -14.55 -1.18
C LEU A 107 6.22 -15.65 -1.60
N ASN A 108 7.34 -15.27 -2.21
CA ASN A 108 8.29 -16.29 -2.67
C ASN A 108 8.84 -17.08 -1.49
N LYS A 109 9.20 -16.38 -0.41
CA LYS A 109 9.77 -17.02 0.76
C LYS A 109 8.87 -18.12 1.29
N PHE A 110 7.55 -17.90 1.25
CA PHE A 110 6.60 -18.85 1.81
C PHE A 110 6.05 -19.81 0.75
N GLY A 111 6.61 -19.83 -0.46
CA GLY A 111 6.10 -20.71 -1.49
C GLY A 111 4.72 -20.39 -1.99
N LEU A 112 4.34 -19.13 -1.97
CA LEU A 112 3.06 -18.69 -2.48
C LEU A 112 3.20 -18.09 -3.86
N PRO A 113 2.12 -18.06 -4.65
CA PRO A 113 2.20 -17.44 -5.98
C PRO A 113 2.65 -15.99 -5.85
N LEU A 114 3.43 -15.53 -6.83
CA LEU A 114 3.86 -14.14 -6.91
C LEU A 114 2.84 -13.32 -7.68
N LEU A 115 2.94 -12.00 -7.52
CA LEU A 115 2.01 -11.09 -8.19
C LEU A 115 2.35 -11.00 -9.67
N ILE A 116 1.33 -11.13 -10.52
CA ILE A 116 1.47 -10.83 -11.94
C ILE A 116 0.49 -9.73 -12.37
N ASN A 117 -0.12 -9.05 -11.41
CA ASN A 117 -1.14 -8.06 -11.71
C ASN A 117 -0.55 -6.88 -12.46
N LYS A 118 -1.36 -6.28 -13.34
CA LYS A 118 -1.04 -4.98 -13.90
C LYS A 118 -0.99 -3.94 -12.78
N THR A 119 -0.22 -2.88 -12.99
CA THR A 119 -0.04 -1.88 -11.96
C THR A 119 -0.09 -0.47 -12.55
N HIS A 120 -0.56 0.47 -11.73
CA HIS A 120 -0.46 1.89 -11.98
C HIS A 120 0.07 2.57 -10.74
N ASP A 121 0.93 3.57 -10.92
CA ASP A 121 1.57 4.28 -9.82
C ASP A 121 1.09 5.72 -9.81
N ILE A 122 0.30 6.07 -8.80
CA ILE A 122 -0.22 7.44 -8.71
C ILE A 122 0.91 8.46 -8.67
N MET A 123 2.05 8.11 -8.07
N MET A 123 2.04 8.12 -8.05
CA MET A 123 3.17 9.04 -8.01
CA MET A 123 3.13 9.08 -7.94
C MET A 123 3.62 9.45 -9.40
C MET A 123 3.66 9.48 -9.31
N ARG A 124 3.68 8.49 -10.33
N ARG A 124 3.61 8.58 -10.29
CA ARG A 124 4.08 8.83 -11.69
CA ARG A 124 4.10 8.90 -11.63
C ARG A 124 3.14 9.87 -12.29
C ARG A 124 3.13 9.82 -12.37
N TYR A 125 1.83 9.71 -12.08
CA TYR A 125 0.87 10.67 -12.61
C TYR A 125 1.03 12.02 -11.93
N VAL A 126 1.29 12.03 -10.62
CA VAL A 126 1.47 13.28 -9.90
C VAL A 126 2.69 14.02 -10.43
N LYS A 127 3.78 13.29 -10.69
CA LYS A 127 5.00 13.92 -11.19
C LYS A 127 4.75 14.66 -12.50
N ASP A 128 3.85 14.15 -13.33
CA ASP A 128 3.59 14.76 -14.62
C ASP A 128 2.57 15.88 -14.54
N GLU A 129 1.69 15.86 -13.54
CA GLU A 129 0.65 16.87 -13.41
C GLU A 129 1.09 18.03 -12.51
N LYS A 130 1.85 17.75 -11.46
CA LYS A 130 2.28 18.75 -10.48
C LYS A 130 3.79 18.89 -10.59
N LEU A 131 4.22 19.73 -11.52
CA LEU A 131 5.65 19.83 -11.83
C LEU A 131 6.42 20.65 -10.80
N PHE A 132 5.74 21.49 -10.02
CA PHE A 132 6.40 22.47 -9.16
C PHE A 132 6.32 22.11 -7.69
N LEU A 133 5.98 20.87 -7.35
CA LEU A 133 5.92 20.49 -5.95
C LEU A 133 7.32 20.52 -5.33
N ASP A 134 7.36 20.89 -4.06
CA ASP A 134 8.63 20.94 -3.34
C ASP A 134 9.34 19.59 -3.38
N ASN A 135 8.59 18.51 -3.26
CA ASN A 135 9.10 17.15 -3.39
C ASN A 135 7.92 16.25 -3.71
N TYR A 136 8.16 14.94 -3.75
CA TYR A 136 7.12 14.00 -4.19
C TYR A 136 6.83 12.90 -3.18
N GLN A 137 7.11 13.17 -1.90
CA GLN A 137 6.53 12.35 -0.85
C GLN A 137 5.01 12.40 -0.94
N LEU A 138 4.37 11.32 -0.50
CA LEU A 138 2.91 11.26 -0.53
C LEU A 138 2.29 12.47 0.15
N GLN A 139 2.82 12.86 1.31
CA GLN A 139 2.30 14.00 2.04
C GLN A 139 2.25 15.23 1.15
N THR A 140 3.34 15.50 0.42
CA THR A 140 3.39 16.68 -0.45
C THR A 140 2.39 16.57 -1.58
N ALA A 141 2.25 15.38 -2.17
CA ALA A 141 1.30 15.21 -3.27
C ALA A 141 -0.12 15.47 -2.81
N LEU A 142 -0.47 14.99 -1.62
CA LEU A 142 -1.84 15.15 -1.12
C LEU A 142 -2.22 16.64 -1.04
N LYS A 143 -1.34 17.45 -0.46
CA LYS A 143 -1.61 18.88 -0.37
C LYS A 143 -1.92 19.48 -1.73
N SER A 144 -1.11 19.13 -2.74
CA SER A 144 -1.27 19.71 -4.06
C SER A 144 -2.65 19.47 -4.65
N TYR A 145 -3.36 18.44 -4.20
CA TYR A 145 -4.69 18.11 -4.71
C TYR A 145 -5.79 18.48 -3.73
N GLY A 146 -5.48 19.29 -2.72
CA GLY A 146 -6.50 19.72 -1.78
C GLY A 146 -6.84 18.71 -0.72
N ILE A 147 -5.93 17.78 -0.41
CA ILE A 147 -6.09 16.81 0.66
C ILE A 147 -5.11 17.20 1.76
N GLU A 148 -5.63 17.65 2.91
CA GLU A 148 -4.80 18.19 3.97
C GLU A 148 -4.56 17.20 5.10
N ASP A 149 -4.96 15.94 4.93
CA ASP A 149 -4.72 14.94 5.96
C ASP A 149 -3.23 14.73 6.16
N SER A 150 -2.83 14.56 7.42
CA SER A 150 -1.48 14.11 7.72
C SER A 150 -1.35 12.62 7.39
N VAL A 151 -0.23 12.23 6.82
CA VAL A 151 0.02 10.82 6.50
C VAL A 151 0.37 10.10 7.80
N PRO A 152 -0.44 9.14 8.26
CA PRO A 152 -0.15 8.48 9.54
C PRO A 152 0.89 7.36 9.45
N HIS A 153 1.24 6.90 8.26
CA HIS A 153 2.16 5.79 8.09
C HIS A 153 1.59 4.52 8.73
N ARG A 154 0.30 4.30 8.51
CA ARG A 154 -0.38 3.05 8.82
C ARG A 154 -0.98 2.56 7.52
N ALA A 155 -0.91 1.23 7.30
CA ALA A 155 -1.11 0.69 5.95
C ALA A 155 -2.48 1.01 5.38
N LEU A 156 -3.55 0.67 6.09
CA LEU A 156 -4.88 0.91 5.55
C LEU A 156 -5.19 2.41 5.51
N LYS A 157 -4.77 3.15 6.54
CA LYS A 157 -5.02 4.59 6.55
C LYS A 157 -4.31 5.28 5.40
N ASP A 158 -3.08 4.86 5.11
CA ASP A 158 -2.36 5.42 3.96
C ASP A 158 -3.03 5.00 2.65
N ALA A 159 -3.46 3.74 2.54
CA ALA A 159 -4.13 3.29 1.33
C ALA A 159 -5.39 4.09 1.07
N ARG A 160 -6.13 4.44 2.13
CA ARG A 160 -7.31 5.28 1.95
C ARG A 160 -6.94 6.64 1.36
N LEU A 161 -5.85 7.23 1.85
CA LEU A 161 -5.40 8.51 1.31
C LEU A 161 -4.98 8.38 -0.14
N ILE A 162 -4.25 7.32 -0.49
CA ILE A 162 -3.85 7.10 -1.87
C ILE A 162 -5.07 6.90 -2.76
N TYR A 163 -6.07 6.18 -2.25
CA TYR A 163 -7.29 5.99 -3.03
C TYR A 163 -7.98 7.33 -3.27
N HIS A 164 -8.12 8.14 -2.23
N HIS A 164 -8.14 8.12 -2.22
CA HIS A 164 -8.74 9.44 -2.41
CA HIS A 164 -8.71 9.46 -2.34
C HIS A 164 -7.95 10.28 -3.41
C HIS A 164 -7.96 10.27 -3.39
N LEU A 165 -6.62 10.23 -3.34
CA LEU A 165 -5.81 10.92 -4.34
C LEU A 165 -6.12 10.38 -5.73
N SER A 166 -6.25 9.07 -5.87
CA SER A 166 -6.48 8.48 -7.19
C SER A 166 -7.72 9.06 -7.85
N THR A 167 -8.78 9.35 -7.06
CA THR A 167 -10.01 9.88 -7.64
C THR A 167 -9.89 11.34 -8.06
N LYS A 168 -8.73 11.96 -7.84
CA LYS A 168 -8.51 13.36 -8.19
C LYS A 168 -7.47 13.55 -9.28
N VAL A 169 -6.88 12.48 -9.78
CA VAL A 169 -5.82 12.54 -10.79
C VAL A 169 -6.45 12.16 -12.13
N ASN A 170 -6.68 13.17 -12.98
CA ASN A 170 -7.53 12.98 -14.15
C ASN A 170 -6.89 12.01 -15.15
N LYS A 171 -5.56 12.06 -15.31
CA LYS A 171 -4.93 11.16 -16.27
C LYS A 171 -5.07 9.71 -15.83
N PHE A 172 -5.02 9.45 -14.53
CA PHE A 172 -5.26 8.10 -14.04
C PHE A 172 -6.70 7.67 -14.28
N LEU A 173 -7.65 8.55 -13.96
CA LEU A 173 -9.06 8.19 -14.15
C LEU A 173 -9.36 7.93 -15.61
N ALA A 174 -8.75 8.70 -16.52
CA ALA A 174 -9.00 8.49 -17.94
C ALA A 174 -8.54 7.10 -18.37
N ARG A 175 -7.41 6.63 -17.83
N ARG A 175 -7.42 6.64 -17.82
CA ARG A 175 -6.90 5.32 -18.23
CA ARG A 175 -6.88 5.34 -18.19
C ARG A 175 -7.74 4.19 -17.65
C ARG A 175 -7.71 4.20 -17.63
N MET A 176 -8.38 4.42 -16.51
CA MET A 176 -9.20 3.39 -15.88
C MET A 176 -10.65 3.40 -16.34
N LYS A 177 -11.02 4.24 -17.29
CA LYS A 177 -12.43 4.40 -17.61
C LYS A 177 -12.96 3.20 -18.38
N GLU A 178 -14.28 3.10 -18.43
CA GLU A 178 -15.03 2.01 -19.04
C GLU A 178 -15.22 0.85 -18.09
#